data_1UJK
#
_entry.id   1UJK
#
_cell.length_a   48.545
_cell.length_b   72.308
_cell.length_c   103.130
_cell.angle_alpha   90.00
_cell.angle_beta   90.00
_cell.angle_gamma   90.00
#
_symmetry.space_group_name_H-M   'P 21 21 21'
#
loop_
_entity.id
_entity.type
_entity.pdbx_description
1 polymer 'ADP-ribosylation factor binding protein GGA1'
2 polymer 'C-terminal peptide from Beta-secretase'
3 non-polymer 'IODIDE ION'
4 water water
#
loop_
_entity_poly.entity_id
_entity_poly.type
_entity_poly.pdbx_seq_one_letter_code
_entity_poly.pdbx_strand_id
1 'polypeptide(L)'
;MEPAMEPETLEARINRATNPLNKELDWASINGFCEQLNEDFEGPPLATRLLAHKIQSPQEWEAIQALTVLETCMKSCGKR
FHDEVGKFRFLNELIKVVSPKYLGSRTSEKVKNKILELLYSWTVGLPEEVKIAEAYQMLKKQGIVKS
;
A,B
2 'polypeptide(L)' HDDFADDI(SEP)LLK C,D
#
# COMPACT_ATOMS: atom_id res chain seq x y z
N GLU A 2 -26.02 6.62 -17.38
CA GLU A 2 -26.96 5.99 -16.40
C GLU A 2 -26.24 5.60 -15.10
N PRO A 3 -25.22 4.74 -15.18
CA PRO A 3 -24.51 4.35 -13.95
C PRO A 3 -23.93 5.56 -13.21
N ALA A 4 -23.60 6.60 -13.97
CA ALA A 4 -23.04 7.81 -13.40
C ALA A 4 -24.07 8.51 -12.51
N MET A 5 -25.33 8.14 -12.68
CA MET A 5 -26.42 8.72 -11.91
C MET A 5 -26.58 8.03 -10.55
N GLU A 6 -25.83 6.95 -10.35
CA GLU A 6 -25.86 6.21 -9.09
C GLU A 6 -24.52 6.45 -8.39
N PRO A 7 -24.50 7.38 -7.43
CA PRO A 7 -23.32 7.77 -6.65
C PRO A 7 -22.38 6.68 -6.17
N GLU A 8 -22.89 5.46 -5.99
CA GLU A 8 -22.04 4.38 -5.50
C GLU A 8 -21.28 3.62 -6.59
N THR A 9 -21.68 3.81 -7.84
CA THR A 9 -21.02 3.12 -8.95
C THR A 9 -19.62 3.65 -9.17
N LEU A 10 -18.75 2.82 -9.71
CA LEU A 10 -17.39 3.23 -9.97
C LEU A 10 -17.42 4.38 -10.98
N GLU A 11 -18.42 4.37 -11.87
CA GLU A 11 -18.55 5.43 -12.87
C GLU A 11 -18.79 6.76 -12.18
N ALA A 12 -19.79 6.81 -11.31
CA ALA A 12 -20.13 8.04 -10.60
C ALA A 12 -18.97 8.48 -9.69
N ARG A 13 -18.35 7.53 -9.02
CA ARG A 13 -17.23 7.83 -8.13
C ARG A 13 -16.05 8.43 -8.88
N ILE A 14 -15.64 7.80 -9.97
CA ILE A 14 -14.50 8.32 -10.71
C ILE A 14 -14.80 9.66 -11.38
N ASN A 15 -16.05 9.90 -11.76
CA ASN A 15 -16.40 11.18 -12.38
C ASN A 15 -16.19 12.30 -11.36
N ARG A 16 -16.44 12.00 -10.08
CA ARG A 16 -16.25 12.99 -9.04
C ARG A 16 -14.77 13.11 -8.70
N ALA A 17 -14.12 11.97 -8.51
CA ALA A 17 -12.71 11.92 -8.15
C ALA A 17 -11.76 12.54 -9.19
N THR A 18 -12.21 12.65 -10.44
CA THR A 18 -11.36 13.22 -11.48
C THR A 18 -12.02 14.42 -12.17
N ASN A 19 -13.11 14.91 -11.60
CA ASN A 19 -13.84 16.04 -12.18
C ASN A 19 -12.93 17.24 -12.48
N PRO A 20 -12.92 17.70 -13.75
CA PRO A 20 -12.10 18.83 -14.17
C PRO A 20 -12.38 20.11 -13.37
N LEU A 21 -13.55 20.15 -12.73
CA LEU A 21 -13.95 21.32 -11.94
C LEU A 21 -13.40 21.34 -10.51
N ASN A 22 -12.85 20.23 -10.04
CA ASN A 22 -12.32 20.18 -8.68
C ASN A 22 -11.21 21.22 -8.51
N LYS A 23 -11.30 22.01 -7.45
CA LYS A 23 -10.31 23.04 -7.15
C LYS A 23 -9.08 22.41 -6.52
N GLU A 24 -9.29 21.25 -5.89
CA GLU A 24 -8.22 20.50 -5.25
C GLU A 24 -8.60 19.02 -5.26
N LEU A 25 -7.65 18.17 -4.93
CA LEU A 25 -7.90 16.73 -4.89
C LEU A 25 -9.05 16.41 -3.94
N ASP A 26 -9.99 15.60 -4.42
CA ASP A 26 -11.15 15.20 -3.63
C ASP A 26 -10.85 13.83 -3.01
N TRP A 27 -10.03 13.81 -1.97
CA TRP A 27 -9.65 12.55 -1.33
C TRP A 27 -10.80 11.67 -0.91
N ALA A 28 -11.93 12.27 -0.55
CA ALA A 28 -13.10 11.50 -0.14
C ALA A 28 -13.56 10.61 -1.30
N SER A 29 -13.63 11.17 -2.49
CA SER A 29 -14.05 10.42 -3.67
C SER A 29 -12.96 9.46 -4.13
N ILE A 30 -11.70 9.89 -4.02
CA ILE A 30 -10.59 9.06 -4.43
C ILE A 30 -10.52 7.77 -3.61
N ASN A 31 -10.54 7.90 -2.28
CA ASN A 31 -10.48 6.73 -1.43
C ASN A 31 -11.75 5.90 -1.56
N GLY A 32 -12.87 6.58 -1.81
CA GLY A 32 -14.13 5.88 -1.96
C GLY A 32 -14.11 4.99 -3.20
N PHE A 33 -13.44 5.45 -4.24
CA PHE A 33 -13.35 4.69 -5.48
C PHE A 33 -12.51 3.43 -5.25
N CYS A 34 -11.37 3.58 -4.59
CA CYS A 34 -10.50 2.44 -4.31
C CYS A 34 -11.23 1.42 -3.44
N GLU A 35 -12.06 1.91 -2.51
CA GLU A 35 -12.81 1.03 -1.63
C GLU A 35 -13.91 0.28 -2.39
N GLN A 36 -14.73 1.02 -3.13
CA GLN A 36 -15.83 0.42 -3.88
C GLN A 36 -15.31 -0.61 -4.86
N LEU A 37 -14.09 -0.36 -5.34
CA LEU A 37 -13.41 -1.21 -6.29
C LEU A 37 -13.33 -2.67 -5.84
N ASN A 38 -13.13 -2.89 -4.54
CA ASN A 38 -13.02 -4.24 -3.99
C ASN A 38 -14.33 -4.86 -3.50
N GLU A 39 -15.47 -4.34 -3.96
CA GLU A 39 -16.75 -4.89 -3.52
C GLU A 39 -17.29 -6.00 -4.42
N ASP A 40 -17.00 -5.92 -5.72
CA ASP A 40 -17.46 -6.92 -6.66
C ASP A 40 -16.29 -7.55 -7.42
N PHE A 41 -16.50 -8.76 -7.93
CA PHE A 41 -15.47 -9.46 -8.68
C PHE A 41 -15.12 -8.71 -9.94
N GLU A 42 -16.10 -8.05 -10.54
CA GLU A 42 -15.88 -7.29 -11.76
C GLU A 42 -15.45 -5.86 -11.45
N GLY A 43 -15.27 -5.56 -10.17
CA GLY A 43 -14.86 -4.23 -9.77
C GLY A 43 -13.51 -3.81 -10.33
N PRO A 44 -12.45 -4.58 -10.05
CA PRO A 44 -11.11 -4.25 -10.55
C PRO A 44 -11.01 -4.04 -12.06
N PRO A 45 -11.61 -4.94 -12.87
CA PRO A 45 -11.56 -4.80 -14.33
C PRO A 45 -12.26 -3.54 -14.82
N LEU A 46 -13.37 -3.19 -14.18
CA LEU A 46 -14.13 -2.00 -14.56
C LEU A 46 -13.30 -0.77 -14.18
N ALA A 47 -12.68 -0.83 -13.00
CA ALA A 47 -11.86 0.27 -12.50
C ALA A 47 -10.73 0.62 -13.46
N THR A 48 -9.97 -0.37 -13.91
CA THR A 48 -8.86 -0.11 -14.81
C THR A 48 -9.34 0.41 -16.16
N ARG A 49 -10.52 -0.05 -16.59
CA ARG A 49 -11.11 0.36 -17.85
C ARG A 49 -11.42 1.86 -17.77
N LEU A 50 -12.07 2.26 -16.68
CA LEU A 50 -12.43 3.65 -16.47
C LEU A 50 -11.18 4.51 -16.28
N LEU A 51 -10.24 4.04 -15.47
CA LEU A 51 -9.01 4.79 -15.22
C LEU A 51 -8.23 5.05 -16.51
N ALA A 52 -8.11 4.02 -17.33
CA ALA A 52 -7.37 4.13 -18.59
C ALA A 52 -7.93 5.28 -19.44
N HIS A 53 -9.24 5.38 -19.53
CA HIS A 53 -9.83 6.45 -20.32
C HIS A 53 -9.58 7.83 -19.70
N LYS A 54 -9.78 7.97 -18.40
CA LYS A 54 -9.55 9.26 -17.75
C LYS A 54 -8.09 9.69 -17.86
N ILE A 55 -7.18 8.72 -17.77
CA ILE A 55 -5.77 9.01 -17.85
C ILE A 55 -5.36 9.53 -19.23
N GLN A 56 -6.10 9.13 -20.26
CA GLN A 56 -5.82 9.56 -21.62
C GLN A 56 -6.55 10.84 -21.99
N SER A 57 -7.13 11.52 -21.00
CA SER A 57 -7.86 12.76 -21.26
C SER A 57 -6.96 13.92 -21.71
N PRO A 58 -7.44 14.73 -22.67
CA PRO A 58 -6.70 15.89 -23.19
C PRO A 58 -6.66 16.97 -22.12
N GLN A 59 -7.56 16.85 -21.14
CA GLN A 59 -7.63 17.81 -20.06
C GLN A 59 -6.69 17.34 -18.96
N GLU A 60 -5.51 17.98 -18.90
CA GLU A 60 -4.49 17.59 -17.93
C GLU A 60 -4.94 17.33 -16.51
N TRP A 61 -5.68 18.26 -15.93
CA TRP A 61 -6.16 18.10 -14.56
C TRP A 61 -6.99 16.83 -14.39
N GLU A 62 -7.73 16.46 -15.44
CA GLU A 62 -8.55 15.24 -15.38
C GLU A 62 -7.62 14.03 -15.33
N ALA A 63 -6.64 14.02 -16.23
CA ALA A 63 -5.69 12.91 -16.28
C ALA A 63 -4.87 12.84 -14.99
N ILE A 64 -4.47 14.00 -14.47
CA ILE A 64 -3.67 14.03 -13.24
C ILE A 64 -4.42 13.44 -12.05
N GLN A 65 -5.68 13.83 -11.87
CA GLN A 65 -6.44 13.29 -10.75
C GLN A 65 -6.63 11.80 -10.94
N ALA A 66 -6.86 11.38 -12.18
CA ALA A 66 -7.05 9.95 -12.45
C ALA A 66 -5.79 9.17 -12.08
N LEU A 67 -4.62 9.76 -12.35
CA LEU A 67 -3.35 9.12 -12.02
C LEU A 67 -3.19 9.06 -10.50
N THR A 68 -3.74 10.05 -9.81
CA THR A 68 -3.67 10.07 -8.35
C THR A 68 -4.57 8.95 -7.82
N VAL A 69 -5.71 8.74 -8.48
CA VAL A 69 -6.62 7.67 -8.07
C VAL A 69 -5.92 6.33 -8.27
N LEU A 70 -5.28 6.16 -9.44
CA LEU A 70 -4.58 4.93 -9.76
C LEU A 70 -3.47 4.68 -8.74
N GLU A 71 -2.68 5.70 -8.47
CA GLU A 71 -1.58 5.59 -7.51
C GLU A 71 -2.09 5.19 -6.13
N THR A 72 -3.20 5.78 -5.73
CA THR A 72 -3.79 5.52 -4.41
C THR A 72 -4.34 4.10 -4.29
N CYS A 73 -5.10 3.64 -5.29
CA CYS A 73 -5.66 2.31 -5.23
C CYS A 73 -4.57 1.23 -5.26
N MET A 74 -3.51 1.47 -6.03
CA MET A 74 -2.41 0.51 -6.10
C MET A 74 -1.70 0.44 -4.75
N LYS A 75 -1.74 1.54 -4.01
CA LYS A 75 -1.11 1.59 -2.69
C LYS A 75 -1.88 0.73 -1.68
N SER A 76 -3.12 0.36 -2.01
CA SER A 76 -3.93 -0.49 -1.14
C SER A 76 -3.39 -1.91 -1.27
N CYS A 77 -3.55 -2.70 -0.22
CA CYS A 77 -3.00 -4.05 -0.23
C CYS A 77 -3.83 -5.16 -0.90
N GLY A 78 -4.70 -4.79 -1.85
CA GLY A 78 -5.52 -5.77 -2.53
C GLY A 78 -4.84 -6.40 -3.75
N LYS A 79 -4.80 -7.73 -3.79
CA LYS A 79 -4.16 -8.47 -4.87
C LYS A 79 -4.88 -8.36 -6.24
N ARG A 80 -6.20 -8.42 -6.22
CA ARG A 80 -6.98 -8.35 -7.45
C ARG A 80 -6.68 -7.11 -8.29
N PHE A 81 -6.66 -5.95 -7.66
CA PHE A 81 -6.39 -4.72 -8.39
C PHE A 81 -4.95 -4.69 -8.88
N HIS A 82 -4.02 -5.15 -8.05
CA HIS A 82 -2.61 -5.18 -8.45
C HIS A 82 -2.47 -6.04 -9.72
N ASP A 83 -3.17 -7.16 -9.74
CA ASP A 83 -3.12 -8.07 -10.89
C ASP A 83 -3.76 -7.47 -12.13
N GLU A 84 -4.82 -6.68 -11.98
CA GLU A 84 -5.48 -6.06 -13.13
C GLU A 84 -4.60 -4.99 -13.77
N VAL A 85 -3.95 -4.17 -12.94
CA VAL A 85 -3.06 -3.15 -13.44
C VAL A 85 -1.82 -3.82 -14.03
N GLY A 86 -1.48 -4.99 -13.48
CA GLY A 86 -0.33 -5.72 -13.95
C GLY A 86 -0.56 -6.52 -15.24
N LYS A 87 -1.60 -6.15 -15.99
CA LYS A 87 -1.89 -6.82 -17.25
C LYS A 87 -1.62 -5.86 -18.40
N PHE A 88 -1.15 -6.38 -19.53
CA PHE A 88 -0.87 -5.54 -20.68
C PHE A 88 -2.15 -4.85 -21.16
N ARG A 89 -3.29 -5.44 -20.83
CA ARG A 89 -4.57 -4.85 -21.21
C ARG A 89 -4.59 -3.42 -20.67
N PHE A 90 -4.11 -3.24 -19.44
CA PHE A 90 -4.06 -1.91 -18.85
C PHE A 90 -2.75 -1.19 -19.11
N LEU A 91 -1.62 -1.90 -18.94
CA LEU A 91 -0.31 -1.28 -19.14
C LEU A 91 -0.14 -0.67 -20.53
N ASN A 92 -0.74 -1.28 -21.55
CA ASN A 92 -0.63 -0.75 -22.90
C ASN A 92 -1.25 0.64 -22.99
N GLU A 93 -2.31 0.87 -22.21
CA GLU A 93 -2.97 2.17 -22.23
C GLU A 93 -2.06 3.26 -21.65
N LEU A 94 -1.20 2.88 -20.70
CA LEU A 94 -0.27 3.83 -20.11
C LEU A 94 0.86 4.06 -21.11
N ILE A 95 1.26 3.00 -21.81
CA ILE A 95 2.33 3.08 -22.81
C ILE A 95 1.92 4.05 -23.92
N LYS A 96 0.65 4.02 -24.30
CA LYS A 96 0.14 4.91 -25.35
C LYS A 96 0.28 6.38 -24.96
N VAL A 97 0.17 6.66 -23.66
CA VAL A 97 0.27 8.02 -23.17
C VAL A 97 1.70 8.55 -23.16
N VAL A 98 2.66 7.70 -22.81
CA VAL A 98 4.06 8.12 -22.76
C VAL A 98 4.83 7.95 -24.07
N SER A 99 4.34 7.06 -24.93
CA SER A 99 5.01 6.78 -26.20
C SER A 99 4.74 7.83 -27.28
N PRO A 100 5.82 8.44 -27.83
CA PRO A 100 5.70 9.45 -28.87
C PRO A 100 5.01 8.90 -30.12
N LYS A 101 5.02 7.58 -30.24
CA LYS A 101 4.41 6.91 -31.38
C LYS A 101 2.89 7.02 -31.34
N TYR A 102 2.36 7.33 -30.15
CA TYR A 102 0.92 7.44 -29.99
C TYR A 102 0.49 8.82 -29.47
N LEU A 103 0.25 8.91 -28.16
CA LEU A 103 -0.18 10.15 -27.55
C LEU A 103 0.97 10.94 -26.94
N GLY A 104 2.14 10.33 -26.87
CA GLY A 104 3.30 10.97 -26.29
C GLY A 104 3.57 12.39 -26.75
N SER A 105 3.48 12.63 -28.06
CA SER A 105 3.75 13.96 -28.61
C SER A 105 2.64 14.97 -28.31
N ARG A 106 1.55 14.50 -27.71
CA ARG A 106 0.43 15.39 -27.39
C ARG A 106 0.07 15.37 -25.91
N THR A 107 0.93 14.76 -25.09
CA THR A 107 0.69 14.69 -23.65
C THR A 107 1.73 15.52 -22.90
N SER A 108 1.28 16.22 -21.87
CA SER A 108 2.18 17.06 -21.10
C SER A 108 3.26 16.24 -20.41
N GLU A 109 4.37 16.90 -20.09
CA GLU A 109 5.50 16.26 -19.43
C GLU A 109 5.08 15.83 -18.03
N LYS A 110 4.28 16.66 -17.38
CA LYS A 110 3.80 16.38 -16.03
C LYS A 110 3.09 15.02 -15.99
N VAL A 111 2.18 14.80 -16.93
CA VAL A 111 1.45 13.55 -16.97
C VAL A 111 2.34 12.37 -17.33
N LYS A 112 3.17 12.52 -18.35
CA LYS A 112 4.05 11.43 -18.76
C LYS A 112 5.03 11.06 -17.66
N ASN A 113 5.59 12.06 -16.97
CA ASN A 113 6.53 11.80 -15.89
C ASN A 113 5.88 11.06 -14.73
N LYS A 114 4.63 11.41 -14.43
CA LYS A 114 3.91 10.78 -13.34
C LYS A 114 3.71 9.30 -13.63
N ILE A 115 3.36 8.99 -14.88
CA ILE A 115 3.16 7.60 -15.29
C ILE A 115 4.45 6.80 -15.12
N LEU A 116 5.56 7.38 -15.59
CA LEU A 116 6.85 6.70 -15.49
C LEU A 116 7.22 6.49 -14.03
N GLU A 117 6.96 7.48 -13.18
CA GLU A 117 7.27 7.35 -11.76
C GLU A 117 6.45 6.23 -11.14
N LEU A 118 5.18 6.15 -11.49
CA LEU A 118 4.32 5.11 -10.94
C LEU A 118 4.79 3.74 -11.41
N LEU A 119 5.04 3.59 -12.70
CA LEU A 119 5.51 2.32 -13.23
C LEU A 119 6.76 1.86 -12.47
N TYR A 120 7.72 2.77 -12.33
CA TYR A 120 8.94 2.42 -11.61
C TYR A 120 8.63 1.95 -10.19
N SER A 121 7.80 2.69 -9.47
CA SER A 121 7.46 2.33 -8.10
C SER A 121 6.87 0.93 -8.01
N TRP A 122 6.11 0.53 -9.03
CA TRP A 122 5.53 -0.80 -9.02
C TRP A 122 6.56 -1.87 -9.35
N THR A 123 7.55 -1.53 -10.18
CA THR A 123 8.57 -2.51 -10.51
C THR A 123 9.38 -2.83 -9.25
N VAL A 124 9.47 -1.86 -8.34
CA VAL A 124 10.22 -2.05 -7.09
C VAL A 124 9.35 -2.63 -5.98
N GLY A 125 8.14 -2.09 -5.80
CA GLY A 125 7.26 -2.56 -4.75
C GLY A 125 6.46 -3.81 -5.01
N LEU A 126 6.18 -4.12 -6.28
CA LEU A 126 5.41 -5.30 -6.61
C LEU A 126 6.11 -6.10 -7.72
N PRO A 127 7.32 -6.60 -7.43
CA PRO A 127 8.15 -7.39 -8.35
C PRO A 127 7.46 -8.61 -8.96
N GLU A 128 6.42 -9.10 -8.29
CA GLU A 128 5.70 -10.27 -8.78
C GLU A 128 4.81 -9.95 -9.97
N GLU A 129 4.58 -8.67 -10.20
CA GLU A 129 3.78 -8.23 -11.35
C GLU A 129 4.81 -8.04 -12.45
N VAL A 130 5.34 -9.16 -12.93
CA VAL A 130 6.38 -9.17 -13.95
C VAL A 130 6.05 -8.42 -15.25
N LYS A 131 4.77 -8.35 -15.61
CA LYS A 131 4.39 -7.65 -16.83
C LYS A 131 4.67 -6.16 -16.71
N ILE A 132 4.57 -5.63 -15.50
CA ILE A 132 4.82 -4.21 -15.28
C ILE A 132 6.30 -3.95 -15.54
N ALA A 133 7.14 -4.88 -15.08
CA ALA A 133 8.59 -4.77 -15.27
C ALA A 133 8.92 -4.87 -16.76
N GLU A 134 8.24 -5.77 -17.46
CA GLU A 134 8.46 -5.96 -18.89
C GLU A 134 8.16 -4.66 -19.64
N ALA A 135 7.04 -4.03 -19.31
CA ALA A 135 6.64 -2.79 -19.95
C ALA A 135 7.65 -1.68 -19.67
N TYR A 136 8.09 -1.58 -18.41
CA TYR A 136 9.03 -0.55 -18.02
C TYR A 136 10.38 -0.71 -18.73
N GLN A 137 10.87 -1.94 -18.80
CA GLN A 137 12.15 -2.19 -19.45
C GLN A 137 12.12 -1.84 -20.93
N MET A 138 10.97 -2.07 -21.56
CA MET A 138 10.82 -1.77 -22.99
C MET A 138 10.92 -0.26 -23.16
N LEU A 139 10.22 0.48 -22.30
CA LEU A 139 10.23 1.94 -22.36
C LEU A 139 11.64 2.50 -22.20
N LYS A 140 12.45 1.83 -21.37
CA LYS A 140 13.81 2.30 -21.17
C LYS A 140 14.68 1.96 -22.36
N LYS A 141 14.30 0.90 -23.08
CA LYS A 141 15.04 0.48 -24.26
C LYS A 141 14.74 1.37 -25.46
N GLN A 142 13.54 1.94 -25.47
CA GLN A 142 13.14 2.82 -26.56
C GLN A 142 13.54 4.26 -26.27
N GLY A 143 14.20 4.48 -25.14
CA GLY A 143 14.63 5.81 -24.78
C GLY A 143 13.56 6.63 -24.07
N ILE A 144 12.40 6.03 -23.85
CA ILE A 144 11.31 6.74 -23.18
C ILE A 144 11.71 6.98 -21.73
N VAL A 145 12.26 5.96 -21.09
CA VAL A 145 12.70 6.07 -19.71
C VAL A 145 14.22 6.27 -19.66
N LYS A 146 14.64 7.35 -19.00
CA LYS A 146 16.05 7.68 -18.88
C LYS A 146 16.82 6.51 -18.24
N PRO B 7 -1.16 -20.55 -3.14
CA PRO B 7 -0.87 -19.23 -2.52
C PRO B 7 0.08 -19.38 -1.32
N GLU B 8 1.12 -18.56 -1.30
CA GLU B 8 2.10 -18.59 -0.22
C GLU B 8 1.44 -18.20 1.10
N THR B 9 1.67 -18.99 2.15
CA THR B 9 1.07 -18.72 3.45
C THR B 9 1.73 -17.50 4.10
N LEU B 10 1.09 -16.97 5.14
CA LEU B 10 1.65 -15.82 5.83
C LEU B 10 2.99 -16.19 6.45
N GLU B 11 3.08 -17.41 7.00
CA GLU B 11 4.30 -17.88 7.61
C GLU B 11 5.45 -17.83 6.60
N ALA B 12 5.22 -18.43 5.43
CA ALA B 12 6.24 -18.46 4.39
C ALA B 12 6.61 -17.05 3.96
N ARG B 13 5.61 -16.19 3.82
CA ARG B 13 5.86 -14.82 3.42
C ARG B 13 6.66 -14.06 4.46
N ILE B 14 6.25 -14.13 5.72
CA ILE B 14 6.96 -13.40 6.76
C ILE B 14 8.36 -13.93 7.03
N ASN B 15 8.56 -15.24 6.88
CA ASN B 15 9.88 -15.79 7.13
C ASN B 15 10.86 -15.30 6.06
N ARG B 16 10.38 -15.15 4.83
CA ARG B 16 11.25 -14.64 3.77
C ARG B 16 11.41 -13.13 3.90
N ALA B 17 10.32 -12.44 4.24
CA ALA B 17 10.35 -10.99 4.39
C ALA B 17 11.22 -10.50 5.54
N THR B 18 11.40 -11.34 6.56
CA THR B 18 12.20 -10.95 7.71
C THR B 18 13.47 -11.80 7.90
N ASN B 19 13.85 -12.55 6.87
CA ASN B 19 15.03 -13.40 6.97
C ASN B 19 16.27 -12.59 7.31
N PRO B 20 16.96 -12.97 8.39
CA PRO B 20 18.18 -12.31 8.87
C PRO B 20 19.30 -12.31 7.80
N LEU B 21 19.14 -13.13 6.78
CA LEU B 21 20.14 -13.23 5.72
C LEU B 21 19.91 -12.26 4.56
N ASN B 22 18.75 -11.60 4.54
CA ASN B 22 18.47 -10.67 3.46
C ASN B 22 19.53 -9.57 3.37
N LYS B 23 20.00 -9.32 2.15
CA LYS B 23 21.00 -8.30 1.90
C LYS B 23 20.32 -6.94 1.78
N GLU B 24 19.05 -6.97 1.41
CA GLU B 24 18.23 -5.77 1.27
C GLU B 24 16.77 -6.13 1.48
N LEU B 25 15.90 -5.13 1.57
CA LEU B 25 14.48 -5.39 1.78
C LEU B 25 13.92 -6.21 0.62
N ASP B 26 13.07 -7.18 0.95
CA ASP B 26 12.46 -8.08 -0.03
C ASP B 26 11.00 -7.67 -0.20
N TRP B 27 10.75 -6.70 -1.08
CA TRP B 27 9.39 -6.20 -1.29
C TRP B 27 8.39 -7.22 -1.80
N ALA B 28 8.85 -8.20 -2.56
CA ALA B 28 7.94 -9.23 -3.05
C ALA B 28 7.33 -9.91 -1.84
N SER B 29 8.16 -10.21 -0.85
CA SER B 29 7.69 -10.88 0.36
C SER B 29 6.97 -9.93 1.32
N ILE B 30 7.47 -8.71 1.42
CA ILE B 30 6.87 -7.72 2.30
C ILE B 30 5.45 -7.42 1.83
N ASN B 31 5.32 -6.93 0.60
CA ASN B 31 4.00 -6.63 0.09
C ASN B 31 3.16 -7.90 -0.13
N GLY B 32 3.83 -9.02 -0.34
CA GLY B 32 3.11 -10.26 -0.53
C GLY B 32 2.40 -10.65 0.76
N PHE B 33 3.04 -10.35 1.89
CA PHE B 33 2.48 -10.63 3.21
C PHE B 33 1.20 -9.82 3.40
N CYS B 34 1.26 -8.53 3.09
CA CYS B 34 0.10 -7.66 3.23
C CYS B 34 -1.03 -8.14 2.32
N GLU B 35 -0.69 -8.48 1.08
CA GLU B 35 -1.68 -8.97 0.12
C GLU B 35 -2.38 -10.19 0.69
N GLN B 36 -1.60 -11.14 1.20
CA GLN B 36 -2.15 -12.38 1.74
C GLN B 36 -3.02 -12.21 2.99
N LEU B 37 -2.61 -11.37 3.92
CA LEU B 37 -3.40 -11.19 5.13
C LEU B 37 -4.73 -10.53 4.79
N ASN B 38 -4.74 -9.75 3.72
CA ASN B 38 -5.95 -9.07 3.27
C ASN B 38 -6.90 -10.03 2.54
N GLU B 39 -6.33 -11.09 1.98
CA GLU B 39 -7.13 -12.07 1.25
C GLU B 39 -7.88 -13.01 2.18
N ASP B 40 -7.19 -13.51 3.19
CA ASP B 40 -7.79 -14.43 4.16
C ASP B 40 -8.57 -13.69 5.24
N PHE B 41 -9.75 -14.22 5.58
CA PHE B 41 -10.57 -13.59 6.62
C PHE B 41 -9.89 -13.67 7.98
N GLU B 42 -9.19 -14.77 8.22
CA GLU B 42 -8.48 -14.97 9.48
C GLU B 42 -7.04 -14.48 9.34
N GLY B 43 -6.76 -13.80 8.24
CA GLY B 43 -5.42 -13.30 7.98
C GLY B 43 -4.87 -12.30 8.99
N PRO B 44 -5.61 -11.21 9.27
CA PRO B 44 -5.16 -10.19 10.23
C PRO B 44 -4.72 -10.68 11.62
N PRO B 45 -5.55 -11.48 12.30
CA PRO B 45 -5.15 -11.97 13.63
C PRO B 45 -3.89 -12.82 13.58
N LEU B 46 -3.77 -13.65 12.56
CA LEU B 46 -2.59 -14.50 12.44
C LEU B 46 -1.37 -13.64 12.10
N ALA B 47 -1.57 -12.64 11.25
CA ALA B 47 -0.47 -11.74 10.87
C ALA B 47 0.12 -11.01 12.07
N THR B 48 -0.72 -10.50 12.97
CA THR B 48 -0.22 -9.78 14.15
C THR B 48 0.55 -10.71 15.09
N ARG B 49 0.10 -11.95 15.23
CA ARG B 49 0.79 -12.89 16.10
C ARG B 49 2.16 -13.21 15.53
N LEU B 50 2.23 -13.41 14.22
CA LEU B 50 3.49 -13.72 13.56
C LEU B 50 4.43 -12.51 13.67
N LEU B 51 3.90 -11.32 13.41
CA LEU B 51 4.69 -10.10 13.49
C LEU B 51 5.24 -9.84 14.90
N ALA B 52 4.38 -10.02 15.91
CA ALA B 52 4.80 -9.78 17.28
C ALA B 52 6.05 -10.59 17.62
N HIS B 53 6.09 -11.85 17.20
CA HIS B 53 7.26 -12.68 17.51
C HIS B 53 8.52 -12.20 16.80
N LYS B 54 8.39 -11.86 15.51
CA LYS B 54 9.54 -11.39 14.74
C LYS B 54 10.10 -10.08 15.32
N ILE B 55 9.19 -9.20 15.72
CA ILE B 55 9.59 -7.91 16.27
C ILE B 55 10.35 -8.04 17.58
N GLN B 56 10.09 -9.12 18.31
CA GLN B 56 10.76 -9.35 19.58
C GLN B 56 12.03 -10.18 19.42
N SER B 57 12.47 -10.36 18.18
CA SER B 57 13.66 -11.16 17.93
C SER B 57 14.94 -10.52 18.45
N PRO B 58 15.84 -11.34 18.99
CA PRO B 58 17.13 -10.84 19.51
C PRO B 58 17.99 -10.40 18.34
N GLN B 59 17.68 -10.91 17.15
CA GLN B 59 18.45 -10.55 15.96
C GLN B 59 17.83 -9.29 15.39
N GLU B 60 18.54 -8.18 15.56
CA GLU B 60 18.04 -6.88 15.13
C GLU B 60 17.52 -6.76 13.71
N TRP B 61 18.24 -7.33 12.74
CA TRP B 61 17.81 -7.24 11.35
C TRP B 61 16.48 -7.95 11.13
N GLU B 62 16.23 -9.02 11.89
CA GLU B 62 14.97 -9.75 11.76
C GLU B 62 13.85 -8.83 12.28
N ALA B 63 14.11 -8.20 13.42
CA ALA B 63 13.17 -7.29 14.05
C ALA B 63 12.89 -6.05 13.19
N ILE B 64 13.96 -5.45 12.66
CA ILE B 64 13.80 -4.26 11.83
C ILE B 64 12.98 -4.55 10.58
N GLN B 65 13.25 -5.67 9.92
CA GLN B 65 12.49 -6.01 8.72
C GLN B 65 11.04 -6.28 9.10
N ALA B 66 10.84 -6.88 10.28
CA ALA B 66 9.49 -7.17 10.75
C ALA B 66 8.71 -5.86 10.94
N LEU B 67 9.39 -4.85 11.48
CA LEU B 67 8.75 -3.55 11.69
C LEU B 67 8.45 -2.88 10.36
N THR B 68 9.30 -3.14 9.36
CA THR B 68 9.08 -2.57 8.04
C THR B 68 7.82 -3.21 7.46
N VAL B 69 7.64 -4.52 7.70
CA VAL B 69 6.44 -5.21 7.21
C VAL B 69 5.21 -4.61 7.90
N LEU B 70 5.29 -4.47 9.21
CA LEU B 70 4.19 -3.91 9.99
C LEU B 70 3.84 -2.51 9.48
N GLU B 71 4.86 -1.68 9.32
CA GLU B 71 4.67 -0.31 8.83
C GLU B 71 4.01 -0.31 7.45
N THR B 72 4.50 -1.19 6.58
CA THR B 72 3.97 -1.31 5.23
C THR B 72 2.51 -1.73 5.18
N CYS B 73 2.15 -2.83 5.86
CA CYS B 73 0.76 -3.28 5.85
C CYS B 73 -0.19 -2.34 6.57
N MET B 74 0.30 -1.58 7.54
CA MET B 74 -0.59 -0.63 8.23
C MET B 74 -0.97 0.48 7.25
N LYS B 75 -0.03 0.89 6.41
CA LYS B 75 -0.31 1.93 5.44
C LYS B 75 -1.12 1.45 4.25
N SER B 76 -0.88 0.21 3.82
CA SER B 76 -1.57 -0.31 2.64
C SER B 76 -2.90 -1.05 2.88
N CYS B 77 -2.97 -1.82 3.97
CA CYS B 77 -4.18 -2.58 4.24
C CYS B 77 -5.29 -1.80 4.92
N GLY B 78 -6.42 -2.46 5.17
CA GLY B 78 -7.58 -1.79 5.74
C GLY B 78 -8.01 -1.96 7.19
N LYS B 79 -9.29 -1.74 7.42
CA LYS B 79 -9.88 -1.79 8.75
C LYS B 79 -9.58 -3.04 9.57
N ARG B 80 -9.73 -4.21 8.96
CA ARG B 80 -9.48 -5.47 9.67
C ARG B 80 -8.08 -5.50 10.28
N PHE B 81 -7.07 -5.17 9.48
CA PHE B 81 -5.70 -5.20 9.98
C PHE B 81 -5.48 -4.08 11.00
N HIS B 82 -6.00 -2.89 10.70
CA HIS B 82 -5.85 -1.76 11.60
C HIS B 82 -6.44 -2.07 12.97
N ASP B 83 -7.59 -2.73 12.98
CA ASP B 83 -8.24 -3.07 14.25
C ASP B 83 -7.49 -4.14 15.04
N GLU B 84 -6.81 -5.06 14.35
CA GLU B 84 -6.06 -6.10 15.04
C GLU B 84 -4.83 -5.49 15.70
N VAL B 85 -4.16 -4.60 14.97
CA VAL B 85 -2.98 -3.93 15.48
C VAL B 85 -3.42 -2.99 16.61
N GLY B 86 -4.64 -2.50 16.50
CA GLY B 86 -5.19 -1.59 17.49
C GLY B 86 -5.76 -2.22 18.75
N LYS B 87 -5.31 -3.43 19.08
CA LYS B 87 -5.77 -4.12 20.29
C LYS B 87 -4.56 -4.23 21.21
N PHE B 88 -4.81 -4.20 22.51
CA PHE B 88 -3.70 -4.30 23.45
C PHE B 88 -3.03 -5.67 23.30
N ARG B 89 -3.78 -6.64 22.79
CA ARG B 89 -3.24 -7.97 22.56
C ARG B 89 -1.96 -7.84 21.72
N PHE B 90 -1.96 -6.88 20.80
CA PHE B 90 -0.77 -6.66 19.97
C PHE B 90 0.10 -5.53 20.51
N LEU B 91 -0.53 -4.43 20.89
CA LEU B 91 0.21 -3.27 21.39
C LEU B 91 1.07 -3.61 22.60
N ASN B 92 0.60 -4.51 23.45
CA ASN B 92 1.38 -4.92 24.61
C ASN B 92 2.70 -5.56 24.17
N GLU B 93 2.70 -6.21 23.01
CA GLU B 93 3.93 -6.83 22.53
C GLU B 93 4.94 -5.75 22.12
N LEU B 94 4.46 -4.61 21.65
CA LEU B 94 5.36 -3.52 21.27
C LEU B 94 5.84 -2.81 22.53
N ILE B 95 4.95 -2.69 23.51
CA ILE B 95 5.30 -2.05 24.78
C ILE B 95 6.43 -2.82 25.45
N LYS B 96 6.35 -4.14 25.39
CA LYS B 96 7.39 -5.00 25.99
C LYS B 96 8.77 -4.72 25.38
N VAL B 97 8.80 -4.41 24.09
CA VAL B 97 10.07 -4.13 23.42
C VAL B 97 10.69 -2.80 23.83
N VAL B 98 9.89 -1.75 23.91
CA VAL B 98 10.41 -0.43 24.26
C VAL B 98 10.49 -0.12 25.74
N SER B 99 9.81 -0.90 26.58
CA SER B 99 9.81 -0.64 28.01
C SER B 99 10.98 -1.24 28.79
N PRO B 100 11.68 -0.40 29.58
CA PRO B 100 12.83 -0.87 30.37
C PRO B 100 12.42 -1.98 31.32
N LYS B 101 11.16 -1.96 31.73
CA LYS B 101 10.63 -2.95 32.65
C LYS B 101 10.57 -4.34 32.04
N TYR B 102 10.67 -4.41 30.71
CA TYR B 102 10.61 -5.70 30.03
C TYR B 102 11.82 -6.03 29.16
N LEU B 103 11.69 -5.85 27.85
CA LEU B 103 12.79 -6.16 26.93
C LEU B 103 13.60 -4.92 26.57
N GLY B 104 13.12 -3.76 26.97
CA GLY B 104 13.78 -2.51 26.66
C GLY B 104 15.28 -2.44 26.88
N SER B 105 15.76 -2.90 28.02
CA SER B 105 17.18 -2.84 28.32
C SER B 105 18.04 -3.78 27.48
N ARG B 106 17.40 -4.66 26.71
CA ARG B 106 18.14 -5.60 25.87
C ARG B 106 17.90 -5.36 24.38
N THR B 107 17.15 -4.31 24.07
CA THR B 107 16.83 -3.97 22.69
C THR B 107 17.56 -2.71 22.23
N SER B 108 18.01 -2.69 20.98
CA SER B 108 18.74 -1.54 20.44
C SER B 108 17.87 -0.31 20.34
N GLU B 109 18.47 0.87 20.43
CA GLU B 109 17.71 2.12 20.33
C GLU B 109 17.06 2.22 18.95
N LYS B 110 17.70 1.63 17.94
CA LYS B 110 17.19 1.65 16.59
C LYS B 110 15.80 0.98 16.53
N VAL B 111 15.68 -0.20 17.12
CA VAL B 111 14.41 -0.90 17.12
C VAL B 111 13.38 -0.16 17.99
N LYS B 112 13.79 0.27 19.18
CA LYS B 112 12.87 0.98 20.06
C LYS B 112 12.38 2.31 19.48
N ASN B 113 13.30 3.10 18.92
CA ASN B 113 12.91 4.38 18.34
C ASN B 113 11.98 4.17 17.13
N LYS B 114 12.19 3.10 16.38
CA LYS B 114 11.35 2.84 15.22
C LYS B 114 9.92 2.56 15.68
N ILE B 115 9.79 1.79 16.76
CA ILE B 115 8.48 1.46 17.31
C ILE B 115 7.77 2.72 17.82
N LEU B 116 8.50 3.55 18.55
CA LEU B 116 7.91 4.78 19.09
C LEU B 116 7.45 5.68 17.94
N GLU B 117 8.25 5.74 16.86
CA GLU B 117 7.87 6.58 15.73
C GLU B 117 6.61 6.02 15.06
N LEU B 118 6.56 4.70 14.90
CA LEU B 118 5.40 4.07 14.27
C LEU B 118 4.12 4.33 15.09
N LEU B 119 4.20 4.11 16.40
CA LEU B 119 3.06 4.32 17.27
C LEU B 119 2.54 5.74 17.12
N TYR B 120 3.46 6.70 17.17
CA TYR B 120 3.08 8.09 17.02
C TYR B 120 2.38 8.32 15.67
N SER B 121 2.98 7.82 14.59
CA SER B 121 2.39 8.00 13.27
C SER B 121 0.96 7.45 13.21
N TRP B 122 0.71 6.34 13.91
CA TRP B 122 -0.64 5.78 13.90
C TRP B 122 -1.64 6.61 14.72
N THR B 123 -1.20 7.26 15.80
CA THR B 123 -2.14 8.07 16.58
C THR B 123 -2.64 9.23 15.72
N VAL B 124 -1.81 9.63 14.76
CA VAL B 124 -2.15 10.74 13.84
C VAL B 124 -2.95 10.27 12.61
N GLY B 125 -2.50 9.19 11.99
CA GLY B 125 -3.16 8.69 10.80
C GLY B 125 -4.36 7.78 11.00
N LEU B 126 -4.47 7.18 12.18
CA LEU B 126 -5.57 6.28 12.48
C LEU B 126 -6.17 6.67 13.83
N PRO B 127 -6.71 7.90 13.92
CA PRO B 127 -7.31 8.38 15.17
C PRO B 127 -8.42 7.49 15.71
N GLU B 128 -9.07 6.72 14.85
CA GLU B 128 -10.15 5.83 15.28
C GLU B 128 -9.64 4.71 16.18
N GLU B 129 -8.37 4.35 16.04
CA GLU B 129 -7.78 3.27 16.84
C GLU B 129 -7.32 3.86 18.17
N VAL B 130 -8.29 4.16 19.03
CA VAL B 130 -8.02 4.77 20.32
C VAL B 130 -7.07 4.03 21.24
N LYS B 131 -7.01 2.71 21.14
CA LYS B 131 -6.12 1.96 22.01
C LYS B 131 -4.66 2.23 21.65
N ILE B 132 -4.40 2.55 20.39
CA ILE B 132 -3.03 2.86 19.98
C ILE B 132 -2.64 4.17 20.68
N ALA B 133 -3.57 5.12 20.69
CA ALA B 133 -3.33 6.42 21.33
C ALA B 133 -3.17 6.23 22.84
N GLU B 134 -3.96 5.34 23.41
CA GLU B 134 -3.89 5.07 24.84
C GLU B 134 -2.51 4.47 25.19
N ALA B 135 -2.05 3.54 24.36
CA ALA B 135 -0.75 2.91 24.56
C ALA B 135 0.36 3.96 24.47
N TYR B 136 0.25 4.82 23.46
CA TYR B 136 1.25 5.87 23.26
C TYR B 136 1.25 6.83 24.45
N GLN B 137 0.05 7.25 24.84
CA GLN B 137 -0.11 8.16 25.98
C GLN B 137 0.53 7.60 27.24
N MET B 138 0.39 6.30 27.45
CA MET B 138 0.97 5.67 28.63
C MET B 138 2.49 5.74 28.58
N LEU B 139 3.06 5.54 27.39
CA LEU B 139 4.51 5.58 27.24
C LEU B 139 5.01 7.00 27.46
N LYS B 140 4.23 7.98 27.03
CA LYS B 140 4.60 9.38 27.22
C LYS B 140 4.53 9.73 28.70
N LYS B 141 3.48 9.25 29.35
CA LYS B 141 3.25 9.48 30.77
C LYS B 141 4.41 8.91 31.58
N GLN B 142 4.89 7.74 31.17
CA GLN B 142 5.99 7.07 31.86
C GLN B 142 7.36 7.63 31.50
N GLY B 143 7.40 8.60 30.59
CA GLY B 143 8.66 9.20 30.21
C GLY B 143 9.43 8.45 29.13
N ILE B 144 8.86 7.35 28.64
CA ILE B 144 9.52 6.57 27.59
C ILE B 144 9.51 7.40 26.32
N VAL B 145 8.41 8.13 26.11
CA VAL B 145 8.26 8.99 24.95
C VAL B 145 8.49 10.44 25.39
N LYS B 146 9.37 11.13 24.68
CA LYS B 146 9.67 12.53 24.99
C LYS B 146 10.68 13.08 23.99
N ASP C 6 -7.51 -13.93 -18.74
CA ASP C 6 -6.61 -13.79 -19.91
C ASP C 6 -6.04 -12.38 -20.00
N ASP C 7 -5.26 -12.13 -21.06
CA ASP C 7 -4.65 -10.82 -21.28
C ASP C 7 -4.15 -10.73 -22.71
N ILE C 8 -3.75 -9.53 -23.14
CA ILE C 8 -3.26 -9.34 -24.49
C ILE C 8 -1.75 -9.20 -24.52
N LEU C 10 1.96 -7.30 -25.22
CA LEU C 10 2.55 -5.99 -24.92
C LEU C 10 2.60 -5.12 -26.18
N LEU C 11 2.21 -3.86 -26.02
CA LEU C 11 2.23 -2.91 -27.14
C LEU C 11 3.65 -2.39 -27.31
N LYS C 12 4.26 -2.71 -28.45
CA LYS C 12 5.63 -2.28 -28.71
C LYS C 12 5.66 -0.86 -29.27
N ASP D 6 -12.47 -10.36 23.45
CA ASP D 6 -12.18 -9.41 22.34
C ASP D 6 -10.77 -8.81 22.47
N ASP D 7 -10.28 -8.66 23.70
CA ASP D 7 -8.94 -8.10 23.91
C ASP D 7 -8.51 -8.29 25.37
N ILE D 8 -7.27 -7.91 25.67
CA ILE D 8 -6.76 -8.03 27.03
C ILE D 8 -6.46 -6.64 27.60
N LEU D 10 -4.38 -3.42 29.00
CA LEU D 10 -3.19 -2.71 28.55
C LEU D 10 -2.06 -3.05 29.52
N LEU D 11 -0.87 -3.29 28.99
CA LEU D 11 0.28 -3.64 29.81
C LEU D 11 0.81 -2.40 30.55
N LYS D 12 0.64 -2.39 31.86
CA LYS D 12 1.11 -1.29 32.69
C LYS D 12 2.46 -1.60 33.32
#